data_8WVD
#
_entry.id   8WVD
#
_cell.length_a   49.867
_cell.length_b   68.825
_cell.length_c   142.689
_cell.angle_alpha   90.000
_cell.angle_beta   90.000
_cell.angle_gamma   90.000
#
_symmetry.space_group_name_H-M   'P 21 21 21'
#
loop_
_entity.id
_entity.type
_entity.pdbx_description
1 polymer Glycosyltransferase
2 non-polymer URIDINE-DIPHOSPHATE-N-ACETYLGLUCOSAMINE
3 water water
#
_entity_poly.entity_id   1
_entity_poly.type   'polypeptide(L)'
_entity_poly.pdbx_seq_one_letter_code
;MEKGDTHILVFPFPSQGAINPLLQLSKRLIAKGIKVSLVTTLHVSNHLQLQGAYSNSVKIEVISDGSEDRLETDTMRQTL
DRFRQKMTKNLEDFLQKAMVSSNPPKFILYASTMPWVLEVAKEFGLDRAPFYTQSCALNSINYHVLHGQLKLPPETPTIS
LPSMPLLRPSDLPAYDFDPASTDTIIDLLTSQYSNIQDANLLFCNTFDKLEGEIIQWMETLGRPVKTVGPTVPSAYLDKR
VENDKHYGLSLFKPNEDVCLKWLDSKPSGSVLYVSYGSLVEMGEEQLKELALGIKETGKFFLWVVRDTEAEKLPPNFVES
VAEKGLVVSWCSQLEVLAHPSVGCFFTHCGWNSTLEALCLGVPVVAFPQWADQVTNAKFLEDVWKVGKRVKRNEQRLASK
EEVRSCIWEVMEGERASEFKSNSMEWKKWAKEAVDEGGSSDKNIEEFVAMLKQT
;
_entity_poly.pdbx_strand_id   A
#
loop_
_chem_comp.id
_chem_comp.type
_chem_comp.name
_chem_comp.formula
UD1 non-polymer URIDINE-DIPHOSPHATE-N-ACETYLGLUCOSAMINE 'C17 H27 N3 O17 P2'
#
# COMPACT_ATOMS: atom_id res chain seq x y z
N ASP A 5 19.75 -17.71 18.21
CA ASP A 5 18.57 -17.15 17.50
C ASP A 5 18.94 -15.79 16.91
N THR A 6 18.66 -15.56 15.63
CA THR A 6 18.93 -14.23 15.03
C THR A 6 17.70 -13.36 15.31
N HIS A 7 17.89 -12.27 16.04
CA HIS A 7 16.77 -11.41 16.47
C HIS A 7 16.84 -10.06 15.78
N ILE A 8 15.72 -9.58 15.24
CA ILE A 8 15.74 -8.21 14.63
C ILE A 8 14.51 -7.45 15.14
N LEU A 9 14.56 -6.14 15.02
CA LEU A 9 13.42 -5.26 15.35
C LEU A 9 12.80 -4.77 14.05
N VAL A 10 11.47 -4.71 14.02
CA VAL A 10 10.75 -4.08 12.88
C VAL A 10 9.95 -2.93 13.50
N PHE A 11 10.02 -1.76 12.90
CA PHE A 11 9.40 -0.54 13.47
C PHE A 11 8.60 0.17 12.39
N PRO A 12 7.35 -0.24 12.15
CA PRO A 12 6.52 0.43 11.16
C PRO A 12 6.01 1.76 11.67
N PHE A 13 5.56 2.61 10.76
CA PHE A 13 4.90 3.86 11.18
C PHE A 13 3.67 3.41 11.99
N PRO A 14 3.49 3.88 13.23
CA PRO A 14 2.47 3.35 14.10
C PRO A 14 1.05 3.86 13.84
N SER A 15 0.50 3.45 12.71
CA SER A 15 -0.87 3.80 12.30
C SER A 15 -1.51 2.57 11.65
N GLN A 16 -2.83 2.44 11.76
CA GLN A 16 -3.52 1.28 11.16
C GLN A 16 -3.30 1.25 9.65
N GLY A 17 -3.35 2.41 9.01
CA GLY A 17 -3.17 2.52 7.55
C GLY A 17 -1.74 2.29 7.08
N ALA A 18 -0.75 2.17 7.96
CA ALA A 18 0.65 2.05 7.47
C ALA A 18 1.38 0.80 7.98
N ILE A 19 0.77 -0.01 8.82
CA ILE A 19 1.57 -1.11 9.43
C ILE A 19 1.52 -2.43 8.66
N ASN A 20 0.50 -2.66 7.84
CA ASN A 20 0.36 -4.00 7.21
C ASN A 20 1.59 -4.47 6.44
N PRO A 21 2.22 -3.66 5.57
CA PRO A 21 3.35 -4.14 4.81
C PRO A 21 4.50 -4.76 5.62
N LEU A 22 4.93 -4.16 6.73
CA LEU A 22 6.03 -4.85 7.44
C LEU A 22 5.50 -5.93 8.37
N LEU A 23 4.21 -5.94 8.68
CA LEU A 23 3.68 -7.12 9.40
C LEU A 23 3.78 -8.31 8.45
N GLN A 24 3.41 -8.11 7.18
CA GLN A 24 3.50 -9.21 6.20
C GLN A 24 4.96 -9.62 6.02
N LEU A 25 5.84 -8.64 5.85
CA LEU A 25 7.25 -8.99 5.66
C LEU A 25 7.74 -9.71 6.91
N SER A 26 7.31 -9.28 8.08
CA SER A 26 7.74 -9.97 9.32
C SER A 26 7.35 -11.45 9.27
N LYS A 27 6.17 -11.75 8.73
CA LYS A 27 5.72 -13.17 8.64
C LYS A 27 6.62 -13.95 7.69
N ARG A 28 7.10 -13.32 6.63
CA ARG A 28 8.00 -14.08 5.73
C ARG A 28 9.34 -14.30 6.44
N LEU A 29 9.75 -13.35 7.28
CA LEU A 29 11.05 -13.49 7.97
C LEU A 29 10.98 -14.58 9.03
N ILE A 30 9.90 -14.65 9.79
CA ILE A 30 9.80 -15.70 10.85
C ILE A 30 9.66 -17.07 10.21
N ALA A 31 9.15 -17.15 8.98
CA ALA A 31 9.04 -18.45 8.30
C ALA A 31 10.43 -18.91 7.89
N LYS A 32 11.38 -17.98 7.85
CA LYS A 32 12.77 -18.35 7.47
C LYS A 32 13.64 -18.48 8.72
N GLY A 33 13.07 -18.39 9.91
CA GLY A 33 13.87 -18.65 11.12
C GLY A 33 14.35 -17.42 11.84
N ILE A 34 13.89 -16.24 11.45
CA ILE A 34 14.34 -14.99 12.13
C ILE A 34 13.37 -14.70 13.28
N LYS A 35 13.91 -14.29 14.42
CA LYS A 35 13.07 -13.88 15.57
C LYS A 35 12.78 -12.40 15.38
N VAL A 36 11.51 -12.02 15.36
CA VAL A 36 11.14 -10.60 15.10
C VAL A 36 10.44 -10.00 16.31
N SER A 37 10.86 -8.79 16.69
CA SER A 37 10.19 -8.00 17.73
C SER A 37 9.60 -6.76 17.04
N LEU A 38 8.30 -6.53 17.20
CA LEU A 38 7.65 -5.36 16.59
C LEU A 38 7.71 -4.23 17.60
N VAL A 39 8.34 -3.14 17.22
CA VAL A 39 8.45 -1.94 18.10
C VAL A 39 7.25 -1.07 17.77
N THR A 40 6.46 -0.70 18.77
CA THR A 40 5.25 0.08 18.42
C THR A 40 4.76 0.90 19.61
N THR A 41 3.66 1.58 19.38
CA THR A 41 3.10 2.53 20.37
C THR A 41 1.93 1.93 21.14
N LEU A 42 1.55 2.64 22.19
CA LEU A 42 0.43 2.20 23.04
C LEU A 42 -0.81 2.20 22.18
N HIS A 43 -0.99 3.26 21.41
CA HIS A 43 -2.17 3.39 20.52
C HIS A 43 -2.34 2.16 19.64
N VAL A 44 -1.28 1.73 18.94
CA VAL A 44 -1.39 0.58 18.02
C VAL A 44 -1.68 -0.71 18.79
N SER A 45 -1.02 -0.88 19.94
CA SER A 45 -1.21 -2.10 20.75
C SER A 45 -2.65 -2.14 21.27
N ASN A 46 -3.24 -0.99 21.51
CA ASN A 46 -4.64 -0.97 22.02
C ASN A 46 -5.64 -1.25 20.91
N HIS A 47 -5.37 -0.81 19.69
CA HIS A 47 -6.35 -0.91 18.58
C HIS A 47 -6.16 -2.13 17.69
N LEU A 48 -5.04 -2.82 17.82
CA LEU A 48 -4.82 -3.99 16.96
C LEU A 48 -4.50 -5.19 17.84
N GLN A 49 -4.84 -6.38 17.35
CA GLN A 49 -4.51 -7.63 18.06
C GLN A 49 -3.22 -8.14 17.44
N LEU A 50 -2.10 -7.86 18.08
CA LEU A 50 -0.77 -8.17 17.48
C LEU A 50 -0.12 -9.42 18.07
N GLN A 51 -0.68 -9.98 19.14
CA GLN A 51 0.05 -11.10 19.77
C GLN A 51 -0.40 -12.47 19.26
N GLY A 52 0.58 -13.24 18.77
CA GLY A 52 0.44 -14.61 18.27
C GLY A 52 0.63 -15.59 19.42
N ALA A 53 0.21 -16.83 19.25
CA ALA A 53 0.29 -17.72 20.42
C ALA A 53 1.50 -18.64 20.35
N TYR A 54 2.33 -18.51 19.34
CA TYR A 54 3.41 -19.48 19.11
C TYR A 54 4.77 -19.02 19.57
N SER A 55 5.72 -19.95 19.58
CA SER A 55 7.12 -19.75 20.01
C SER A 55 7.81 -18.74 19.11
N ASN A 56 7.51 -18.79 17.81
CA ASN A 56 8.16 -17.92 16.81
C ASN A 56 7.24 -16.77 16.41
N SER A 57 6.19 -16.53 17.18
CA SER A 57 5.29 -15.41 16.87
C SER A 57 6.03 -14.09 17.07
N VAL A 58 5.67 -13.09 16.28
CA VAL A 58 6.28 -11.74 16.45
C VAL A 58 6.06 -11.29 17.90
N LYS A 59 7.13 -10.88 18.56
CA LYS A 59 7.06 -10.36 19.94
C LYS A 59 6.68 -8.88 19.89
N ILE A 60 5.75 -8.46 20.73
CA ILE A 60 5.29 -7.05 20.67
C ILE A 60 5.99 -6.23 21.75
N GLU A 61 6.66 -5.16 21.36
CA GLU A 61 7.36 -4.27 22.31
C GLU A 61 6.73 -2.88 22.26
N VAL A 62 5.87 -2.59 23.22
CA VAL A 62 5.24 -1.26 23.26
C VAL A 62 6.25 -0.35 23.95
N ILE A 63 6.72 0.68 23.25
CA ILE A 63 7.80 1.52 23.82
C ILE A 63 7.30 2.92 24.13
N SER A 64 6.00 3.18 23.99
CA SER A 64 5.49 4.55 24.25
C SER A 64 4.34 4.54 25.26
N ASP A 65 4.06 5.71 25.82
CA ASP A 65 3.00 5.85 26.85
C ASP A 65 1.82 6.68 26.33
N GLY A 66 1.80 7.04 25.07
CA GLY A 66 0.64 7.75 24.54
C GLY A 66 0.82 9.24 24.59
N SER A 67 1.85 9.71 25.27
CA SER A 67 2.10 11.17 25.32
C SER A 67 2.56 11.69 23.95
N GLU A 68 2.93 10.81 23.02
CA GLU A 68 3.37 11.25 21.67
C GLU A 68 2.18 11.46 20.73
N ASP A 69 0.96 11.15 21.18
CA ASP A 69 -0.26 11.26 20.34
C ASP A 69 -0.53 12.72 19.93
N ARG A 70 -1.17 12.88 18.78
CA ARG A 70 -1.55 14.22 18.25
C ARG A 70 -2.55 14.91 19.18
N LEU A 71 -2.41 16.21 19.34
CA LEU A 71 -3.42 16.98 20.10
C LEU A 71 -4.27 17.68 19.05
N GLU A 72 -5.53 17.96 19.38
CA GLU A 72 -6.46 18.62 18.43
C GLU A 72 -5.97 20.01 18.05
N THR A 73 -5.14 20.61 18.89
CA THR A 73 -4.67 22.00 18.65
C THR A 73 -3.40 22.03 17.79
N ASP A 74 -2.94 20.89 17.33
CA ASP A 74 -1.65 20.89 16.61
C ASP A 74 -1.76 21.23 15.12
N THR A 75 -0.70 21.84 14.63
CA THR A 75 -0.47 21.88 13.17
C THR A 75 0.24 20.55 12.86
N MET A 76 0.27 20.11 11.61
CA MET A 76 0.95 18.83 11.30
C MET A 76 2.42 18.87 11.73
N ARG A 77 3.06 20.03 11.59
CA ARG A 77 4.48 20.21 11.99
C ARG A 77 4.63 19.93 13.50
N GLN A 78 3.74 20.48 14.32
CA GLN A 78 3.82 20.28 15.79
C GLN A 78 3.58 18.80 16.13
N THR A 79 2.65 18.17 15.46
CA THR A 79 2.37 16.74 15.75
C THR A 79 3.60 15.90 15.40
N LEU A 80 4.24 16.24 14.28
CA LEU A 80 5.41 15.46 13.79
C LEU A 80 6.61 15.70 14.69
N ASP A 81 6.80 16.94 15.11
CA ASP A 81 7.93 17.29 16.00
C ASP A 81 7.79 16.58 17.35
N ARG A 82 6.59 16.57 17.91
CA ARG A 82 6.39 15.91 19.23
C ARG A 82 6.58 14.40 19.06
N PHE A 83 6.05 13.87 17.98
CA PHE A 83 6.19 12.42 17.74
C PHE A 83 7.68 12.07 17.67
N ARG A 84 8.42 12.76 16.82
CA ARG A 84 9.87 12.49 16.67
C ARG A 84 10.60 12.62 18.01
N GLN A 85 10.39 13.72 18.70
CA GLN A 85 11.10 13.95 19.98
C GLN A 85 10.81 12.83 20.98
N LYS A 86 9.54 12.54 21.22
CA LYS A 86 9.20 11.53 22.24
C LYS A 86 9.61 10.13 21.78
N MET A 87 9.38 9.81 20.51
CA MET A 87 9.68 8.43 20.04
C MET A 87 11.20 8.23 19.94
N THR A 88 11.95 9.30 19.71
CA THR A 88 13.43 9.20 19.68
C THR A 88 13.92 8.77 21.06
N LYS A 89 13.41 9.44 22.10
CA LYS A 89 13.76 9.07 23.49
C LYS A 89 13.25 7.67 23.81
N ASN A 90 12.04 7.34 23.39
CA ASN A 90 11.45 6.01 23.65
C ASN A 90 12.33 4.93 23.01
N LEU A 91 12.76 5.15 21.77
CA LEU A 91 13.58 4.12 21.10
C LEU A 91 14.95 4.02 21.78
N GLU A 92 15.55 5.16 22.13
CA GLU A 92 16.86 5.16 22.82
C GLU A 92 16.74 4.37 24.13
N ASP A 93 15.69 4.64 24.89
CA ASP A 93 15.46 3.93 26.16
C ASP A 93 15.28 2.43 25.90
N PHE A 94 14.52 2.08 24.87
CA PHE A 94 14.30 0.65 24.55
C PHE A 94 15.61 -0.04 24.17
N LEU A 95 16.44 0.59 23.33
CA LEU A 95 17.70 -0.04 22.85
C LEU A 95 18.73 -0.11 23.99
N GLN A 96 18.67 0.84 24.91
CA GLN A 96 19.56 0.84 26.08
C GLN A 96 19.40 -0.50 26.79
N LYS A 97 18.17 -0.96 26.93
CA LYS A 97 17.86 -2.25 27.56
C LYS A 97 18.07 -3.40 26.58
N ALA A 98 17.56 -3.29 25.36
CA ALA A 98 17.58 -4.42 24.42
C ALA A 98 19.00 -4.78 23.99
N MET A 99 19.89 -3.79 23.91
CA MET A 99 21.24 -4.04 23.37
C MET A 99 22.12 -4.76 24.40
N VAL A 100 21.66 -4.88 25.65
CA VAL A 100 22.47 -5.55 26.71
C VAL A 100 21.73 -6.76 27.23
N SER A 101 20.76 -7.26 26.49
CA SER A 101 19.94 -8.43 26.88
C SER A 101 20.62 -9.74 26.46
N SER A 102 19.97 -10.88 26.71
CA SER A 102 20.56 -12.20 26.43
C SER A 102 20.63 -12.49 24.93
N ASN A 103 19.70 -11.93 24.16
CA ASN A 103 19.72 -12.10 22.69
C ASN A 103 19.48 -10.71 22.09
N PRO A 104 20.48 -9.83 22.02
CA PRO A 104 20.27 -8.49 21.53
C PRO A 104 19.92 -8.46 20.03
N PRO A 105 19.14 -7.48 19.56
CA PRO A 105 18.80 -7.37 18.15
C PRO A 105 20.03 -7.10 17.28
N LYS A 106 20.01 -7.59 16.04
CA LYS A 106 21.19 -7.42 15.17
C LYS A 106 20.83 -6.45 14.04
N PHE A 107 19.60 -5.99 14.02
CA PHE A 107 19.18 -5.10 12.92
C PHE A 107 17.86 -4.43 13.27
N ILE A 108 17.66 -3.22 12.78
CA ILE A 108 16.32 -2.59 12.87
C ILE A 108 15.87 -2.18 11.46
N LEU A 109 14.74 -2.75 11.04
CA LEU A 109 14.06 -2.43 9.76
C LEU A 109 12.94 -1.46 10.15
N TYR A 110 12.97 -0.22 9.66
CA TYR A 110 11.97 0.79 10.11
C TYR A 110 11.29 1.44 8.90
N ALA A 111 10.08 1.94 9.12
CA ALA A 111 9.37 2.60 8.01
C ALA A 111 10.20 3.76 7.50
N SER A 112 10.22 3.99 6.19
CA SER A 112 11.01 5.10 5.57
C SER A 112 10.54 6.48 6.02
N THR A 113 9.30 6.61 6.48
CA THR A 113 8.68 7.85 6.99
C THR A 113 9.16 8.22 8.41
N MET A 114 10.06 7.43 9.01
CA MET A 114 10.69 7.77 10.31
C MET A 114 12.21 7.76 10.11
N PRO A 115 12.78 8.66 9.28
CA PRO A 115 14.21 8.67 8.97
C PRO A 115 15.14 8.93 10.16
N TRP A 116 14.60 9.54 11.22
CA TRP A 116 15.28 9.81 12.52
C TRP A 116 15.72 8.51 13.21
N VAL A 117 15.10 7.37 12.92
CA VAL A 117 15.48 6.05 13.49
C VAL A 117 16.91 5.71 13.05
N LEU A 118 17.27 6.07 11.83
CA LEU A 118 18.65 5.78 11.38
C LEU A 118 19.69 6.44 12.31
N GLU A 119 19.46 7.68 12.74
CA GLU A 119 20.49 8.32 13.59
C GLU A 119 20.56 7.62 14.95
N VAL A 120 19.42 7.12 15.43
CA VAL A 120 19.44 6.38 16.72
C VAL A 120 20.22 5.09 16.52
N ALA A 121 19.92 4.36 15.46
CA ALA A 121 20.65 3.11 15.20
C ALA A 121 22.15 3.41 15.05
N LYS A 122 22.48 4.49 14.36
CA LYS A 122 23.88 4.86 14.10
C LYS A 122 24.61 5.05 15.43
N GLU A 123 24.00 5.79 16.35
CA GLU A 123 24.63 6.02 17.68
C GLU A 123 24.86 4.69 18.41
N PHE A 124 24.00 3.70 18.22
CA PHE A 124 24.10 2.42 18.95
C PHE A 124 24.97 1.40 18.19
N GLY A 125 25.35 1.73 16.96
CA GLY A 125 26.13 0.78 16.15
C GLY A 125 25.25 -0.38 15.73
N LEU A 126 23.99 -0.10 15.50
CA LEU A 126 23.00 -1.14 15.11
C LEU A 126 22.72 -1.07 13.61
N ASP A 127 22.88 -2.18 12.91
CA ASP A 127 22.55 -2.26 11.46
C ASP A 127 21.10 -1.84 11.23
N ARG A 128 20.83 -1.17 10.12
CA ARG A 128 19.45 -0.64 9.96
C ARG A 128 19.10 -0.42 8.49
N ALA A 129 17.81 -0.41 8.20
CA ALA A 129 17.36 -0.18 6.81
C ALA A 129 15.95 0.38 6.81
N PRO A 130 15.68 1.39 5.98
CA PRO A 130 14.33 1.90 5.84
C PRO A 130 13.56 0.99 4.88
N PHE A 131 12.26 0.94 5.09
CA PHE A 131 11.33 0.19 4.21
C PHE A 131 10.42 1.21 3.53
N TYR A 132 10.52 1.31 2.22
CA TYR A 132 9.67 2.20 1.41
C TYR A 132 8.43 1.38 1.04
N THR A 133 7.31 1.67 1.70
CA THR A 133 6.11 0.82 1.53
C THR A 133 5.34 1.11 0.24
N GLN A 134 5.62 2.22 -0.42
CA GLN A 134 4.86 2.58 -1.65
C GLN A 134 5.62 2.14 -2.90
N SER A 135 5.23 2.62 -4.07
CA SER A 135 5.90 2.14 -5.30
C SER A 135 7.31 2.70 -5.41
N CYS A 136 8.11 2.08 -6.25
CA CYS A 136 9.47 2.59 -6.51
C CYS A 136 9.41 3.86 -7.35
N ALA A 137 8.36 4.02 -8.16
CA ALA A 137 8.15 5.25 -8.93
C ALA A 137 8.05 6.44 -7.98
N LEU A 138 7.36 6.28 -6.85
CA LEU A 138 7.30 7.39 -5.87
C LEU A 138 8.68 7.69 -5.29
N ASN A 139 9.55 6.69 -5.14
CA ASN A 139 10.94 6.94 -4.66
C ASN A 139 11.64 7.87 -5.65
N SER A 140 11.47 7.64 -6.94
CA SER A 140 12.11 8.50 -7.96
C SER A 140 11.55 9.92 -7.87
N ILE A 141 10.23 10.06 -7.86
CA ILE A 141 9.61 11.41 -7.77
C ILE A 141 10.11 12.15 -6.53
N ASN A 142 10.01 11.53 -5.36
CA ASN A 142 10.37 12.20 -4.09
C ASN A 142 11.87 12.52 -4.04
N TYR A 143 12.69 11.63 -4.56
CA TYR A 143 14.15 11.88 -4.59
C TYR A 143 14.43 13.12 -5.44
N HIS A 144 13.74 13.25 -6.57
CA HIS A 144 13.98 14.39 -7.48
C HIS A 144 13.43 15.70 -6.88
N VAL A 145 12.44 15.62 -6.01
CA VAL A 145 11.93 16.85 -5.34
C VAL A 145 12.95 17.25 -4.26
N LEU A 146 13.54 16.28 -3.59
CA LEU A 146 14.54 16.58 -2.54
C LEU A 146 15.74 17.29 -3.17
N HIS A 147 16.18 16.81 -4.32
CA HIS A 147 17.42 17.34 -4.94
C HIS A 147 17.17 18.47 -5.94
N GLY A 148 15.96 18.97 -6.05
CA GLY A 148 15.72 20.16 -6.89
C GLY A 148 15.43 19.91 -8.35
N GLN A 149 15.44 18.68 -8.83
CA GLN A 149 15.16 18.41 -10.27
C GLN A 149 13.66 18.42 -10.58
N LEU A 150 12.81 18.43 -9.55
CA LEU A 150 11.34 18.50 -9.75
C LEU A 150 10.75 19.41 -8.67
N LYS A 151 9.57 19.97 -9.09
CA LYS A 151 8.91 20.82 -8.10
C LYS A 151 7.47 20.38 -7.86
N LEU A 152 6.93 20.83 -6.72
CA LEU A 152 5.58 20.45 -6.31
C LEU A 152 4.53 20.85 -7.34
N PRO A 153 4.44 22.09 -7.81
CA PRO A 153 3.81 22.31 -9.09
C PRO A 153 4.86 22.19 -10.18
N PRO A 154 4.72 21.20 -11.06
CA PRO A 154 5.71 21.06 -12.14
C PRO A 154 5.90 22.36 -12.88
N GLU A 155 7.15 22.79 -12.99
CA GLU A 155 7.48 23.99 -13.75
C GLU A 155 7.44 23.77 -15.25
N THR A 156 7.11 22.56 -15.71
CA THR A 156 7.13 22.16 -17.10
C THR A 156 5.86 21.40 -17.45
N PRO A 157 5.44 21.44 -18.72
CA PRO A 157 4.25 20.66 -19.10
C PRO A 157 4.47 19.16 -19.09
N THR A 158 5.69 18.69 -19.31
CA THR A 158 5.99 17.27 -19.31
C THR A 158 7.21 17.01 -18.42
N ILE A 159 7.22 15.85 -17.77
CA ILE A 159 8.28 15.47 -16.85
C ILE A 159 8.91 14.20 -17.38
N SER A 160 10.25 14.30 -17.66
CA SER A 160 10.98 13.09 -18.11
C SER A 160 12.08 12.83 -17.08
N LEU A 161 11.85 11.97 -16.12
CA LEU A 161 12.94 11.70 -15.16
C LEU A 161 13.75 10.53 -15.68
N PRO A 162 14.90 10.09 -15.03
CA PRO A 162 15.67 8.97 -15.50
C PRO A 162 14.97 7.64 -15.23
N SER A 163 14.88 6.81 -16.26
CA SER A 163 14.31 5.44 -16.23
C SER A 163 12.83 5.42 -15.84
N MET A 164 12.11 6.49 -16.08
CA MET A 164 10.70 6.57 -15.71
C MET A 164 9.87 6.81 -16.97
N PRO A 165 8.56 6.55 -16.90
CA PRO A 165 7.67 6.93 -17.98
C PRO A 165 7.43 8.44 -17.93
N LEU A 166 6.99 9.03 -19.03
CA LEU A 166 6.72 10.47 -19.03
C LEU A 166 5.55 10.73 -18.11
N LEU A 167 5.63 11.81 -17.33
CA LEU A 167 4.53 12.14 -16.41
C LEU A 167 4.00 13.53 -16.71
N ARG A 168 2.69 13.69 -16.64
CA ARG A 168 2.12 15.05 -16.70
C ARG A 168 2.03 15.55 -15.28
N PRO A 169 1.80 16.85 -15.03
CA PRO A 169 1.60 17.32 -13.67
C PRO A 169 0.44 16.61 -12.95
N SER A 170 -0.62 16.24 -13.66
CA SER A 170 -1.78 15.49 -13.13
C SER A 170 -1.39 14.08 -12.68
N ASP A 171 -0.30 13.52 -13.17
CA ASP A 171 0.17 12.17 -12.78
C ASP A 171 1.02 12.24 -11.51
N LEU A 172 1.36 13.43 -11.05
CA LEU A 172 2.22 13.55 -9.86
C LEU A 172 1.37 13.53 -8.59
N PRO A 173 1.90 13.00 -7.48
CA PRO A 173 1.16 12.90 -6.24
C PRO A 173 0.58 14.24 -5.81
N ALA A 174 -0.70 14.20 -5.44
CA ALA A 174 -1.46 15.39 -5.04
C ALA A 174 -1.61 15.38 -3.52
N TYR A 175 -0.85 16.21 -2.83
CA TYR A 175 -0.88 16.25 -1.35
C TYR A 175 -1.35 17.62 -0.88
N ASP A 176 -2.05 18.35 -1.75
CA ASP A 176 -2.54 19.69 -1.36
C ASP A 176 -4.03 19.62 -1.02
N PHE A 177 -4.44 18.47 -0.47
CA PHE A 177 -5.80 18.12 -0.02
C PHE A 177 -6.13 18.82 1.31
N ASP A 178 -5.04 19.20 2.00
CA ASP A 178 -4.96 19.93 3.28
C ASP A 178 -3.94 21.03 3.01
N PRO A 179 -4.33 22.20 2.48
CA PRO A 179 -3.38 23.23 2.10
C PRO A 179 -2.50 23.83 3.21
N ALA A 180 -2.90 23.71 4.47
CA ALA A 180 -2.03 24.25 5.55
C ALA A 180 -0.88 23.26 5.84
N SER A 181 -1.03 22.00 5.45
CA SER A 181 0.00 20.97 5.75
C SER A 181 0.83 20.57 4.53
N THR A 182 0.54 21.14 3.36
CA THR A 182 1.24 20.72 2.11
C THR A 182 2.75 20.76 2.28
N ASP A 183 3.29 21.87 2.79
CA ASP A 183 4.76 22.04 2.96
C ASP A 183 5.33 20.98 3.92
N THR A 184 4.65 20.74 5.04
CA THR A 184 5.11 19.74 6.02
C THR A 184 5.11 18.36 5.35
N ILE A 185 4.05 18.04 4.62
CA ILE A 185 3.93 16.70 3.99
C ILE A 185 5.09 16.47 3.02
N ILE A 186 5.44 17.48 2.25
CA ILE A 186 6.52 17.33 1.24
C ILE A 186 7.87 17.25 1.94
N ASP A 187 8.05 18.01 3.01
CA ASP A 187 9.34 17.91 3.74
C ASP A 187 9.50 16.50 4.30
N LEU A 188 8.44 15.92 4.86
CA LEU A 188 8.56 14.55 5.42
C LEU A 188 8.90 13.57 4.30
N LEU A 189 8.21 13.66 3.17
CA LEU A 189 8.48 12.68 2.09
C LEU A 189 9.88 12.84 1.50
N THR A 190 10.34 14.06 1.31
CA THR A 190 11.70 14.29 0.76
C THR A 190 12.76 13.88 1.79
N SER A 191 12.46 14.00 3.08
CA SER A 191 13.38 13.62 4.18
C SER A 191 13.65 12.10 4.23
N GLN A 192 12.81 11.27 3.61
CA GLN A 192 13.01 9.80 3.54
C GLN A 192 14.25 9.41 2.73
N TYR A 193 14.81 10.29 1.90
CA TYR A 193 15.96 9.95 1.02
C TYR A 193 17.22 10.72 1.43
N SER A 194 17.15 11.49 2.50
CA SER A 194 18.27 12.37 2.84
C SER A 194 19.46 11.64 3.47
N ASN A 195 19.22 10.60 4.27
CA ASN A 195 20.31 9.96 5.05
C ASN A 195 20.59 8.53 4.61
N ILE A 196 20.25 8.16 3.38
CA ILE A 196 20.40 6.77 2.85
C ILE A 196 21.87 6.30 2.75
N GLN A 197 22.85 7.20 2.79
CA GLN A 197 24.28 6.84 2.77
C GLN A 197 24.63 5.90 3.93
N ASP A 198 23.98 6.02 5.08
CA ASP A 198 24.20 5.18 6.28
C ASP A 198 23.21 4.01 6.36
N ALA A 199 22.35 3.79 5.36
CA ALA A 199 21.44 2.63 5.42
C ALA A 199 22.16 1.37 4.94
N ASN A 200 22.05 0.27 5.69
CA ASN A 200 22.69 -0.99 5.25
C ASN A 200 22.09 -1.39 3.90
N LEU A 201 20.77 -1.32 3.80
CA LEU A 201 20.00 -1.69 2.58
C LEU A 201 18.82 -0.72 2.45
N LEU A 202 18.18 -0.73 1.29
CA LEU A 202 16.91 0.01 1.07
C LEU A 202 15.88 -1.05 0.66
N PHE A 203 14.84 -1.23 1.46
CA PHE A 203 13.80 -2.23 1.15
C PHE A 203 12.63 -1.54 0.46
N CYS A 204 12.09 -2.20 -0.58
CA CYS A 204 10.97 -1.64 -1.35
C CYS A 204 9.84 -2.66 -1.48
N ASN A 205 8.62 -2.17 -1.30
CA ASN A 205 7.39 -2.99 -1.40
C ASN A 205 6.97 -3.05 -2.87
N THR A 206 7.74 -3.75 -3.68
CA THR A 206 7.44 -3.94 -5.12
C THR A 206 8.20 -5.18 -5.61
N PHE A 207 8.09 -5.50 -6.90
CA PHE A 207 8.84 -6.65 -7.44
C PHE A 207 9.58 -6.25 -8.72
N ASP A 208 10.66 -6.97 -9.01
CA ASP A 208 11.56 -6.66 -10.14
C ASP A 208 10.80 -6.59 -11.48
N LYS A 209 9.90 -7.50 -11.79
CA LYS A 209 9.24 -7.39 -13.11
C LYS A 209 8.30 -6.19 -13.22
N LEU A 210 7.80 -5.68 -12.09
CA LEU A 210 6.86 -4.53 -12.10
C LEU A 210 7.55 -3.19 -12.29
N GLU A 211 8.70 -2.97 -11.65
CA GLU A 211 9.38 -1.64 -11.74
C GLU A 211 10.89 -1.82 -11.92
N GLY A 212 11.30 -2.80 -12.70
CA GLY A 212 12.73 -3.13 -12.90
C GLY A 212 13.66 -1.98 -13.20
N GLU A 213 13.33 -1.16 -14.18
CA GLU A 213 14.26 -0.07 -14.55
C GLU A 213 14.33 0.98 -13.44
N ILE A 214 13.21 1.24 -12.79
CA ILE A 214 13.22 2.24 -11.69
C ILE A 214 14.05 1.68 -10.52
N ILE A 215 13.92 0.38 -10.26
CA ILE A 215 14.71 -0.25 -9.17
C ILE A 215 16.20 -0.14 -9.53
N GLN A 216 16.55 -0.42 -10.78
CA GLN A 216 17.96 -0.31 -11.22
C GLN A 216 18.45 1.13 -11.05
N TRP A 217 17.61 2.11 -11.37
CA TRP A 217 17.98 3.52 -11.16
C TRP A 217 18.21 3.74 -9.66
N MET A 218 17.36 3.19 -8.81
CA MET A 218 17.53 3.44 -7.37
C MET A 218 18.83 2.83 -6.85
N GLU A 219 19.26 1.70 -7.41
CA GLU A 219 20.54 1.02 -7.07
C GLU A 219 21.75 1.91 -7.39
N THR A 220 21.65 2.91 -8.29
CA THR A 220 22.73 3.86 -8.64
C THR A 220 22.91 4.95 -7.57
N LEU A 221 22.07 4.99 -6.54
CA LEU A 221 22.20 5.97 -5.43
C LEU A 221 23.32 5.56 -4.47
N GLY A 222 23.82 4.32 -4.55
CA GLY A 222 24.99 3.91 -3.77
C GLY A 222 24.75 2.80 -2.77
N ARG A 223 23.51 2.42 -2.54
CA ARG A 223 23.19 1.40 -1.53
C ARG A 223 22.46 0.22 -2.16
N PRO A 224 22.59 -1.00 -1.60
CA PRO A 224 21.89 -2.15 -2.11
C PRO A 224 20.39 -1.94 -1.94
N VAL A 225 19.61 -2.27 -2.97
CA VAL A 225 18.13 -2.14 -2.94
C VAL A 225 17.54 -3.55 -2.92
N LYS A 226 16.64 -3.83 -1.99
CA LYS A 226 16.05 -5.18 -1.93
C LYS A 226 14.54 -5.08 -2.15
N THR A 227 14.07 -5.56 -3.29
CA THR A 227 12.61 -5.61 -3.55
C THR A 227 12.09 -6.86 -2.84
N VAL A 228 11.06 -6.71 -2.02
CA VAL A 228 10.59 -7.88 -1.22
C VAL A 228 9.07 -8.02 -1.33
N GLY A 229 8.48 -7.28 -2.26
CA GLY A 229 7.03 -7.27 -2.45
C GLY A 229 6.54 -8.23 -3.50
N PRO A 230 5.23 -8.32 -3.79
CA PRO A 230 4.18 -7.61 -3.06
C PRO A 230 3.92 -8.15 -1.66
N THR A 231 3.64 -7.26 -0.71
CA THR A 231 3.36 -7.70 0.68
C THR A 231 1.86 -7.99 0.78
N VAL A 232 1.43 -9.06 0.14
CA VAL A 232 0.04 -9.55 0.10
C VAL A 232 0.11 -10.93 0.76
N PRO A 233 -0.90 -11.33 1.56
CA PRO A 233 -0.89 -12.62 2.23
C PRO A 233 -0.60 -13.79 1.30
N SER A 234 0.27 -14.68 1.76
CA SER A 234 0.77 -15.86 1.01
C SER A 234 -0.35 -16.72 0.41
N ALA A 235 -1.48 -16.85 1.11
CA ALA A 235 -2.65 -17.63 0.64
C ALA A 235 -3.07 -17.17 -0.77
N TYR A 236 -2.97 -15.88 -1.07
CA TYR A 236 -3.37 -15.33 -2.39
C TYR A 236 -2.18 -15.30 -3.35
N LEU A 237 -1.04 -15.84 -2.96
CA LEU A 237 0.12 -15.78 -3.85
C LEU A 237 0.79 -17.14 -3.96
N ASP A 238 1.88 -17.34 -3.22
CA ASP A 238 2.69 -18.56 -3.33
C ASP A 238 2.19 -19.68 -2.41
N LYS A 239 1.34 -19.37 -1.44
CA LYS A 239 0.78 -20.37 -0.51
C LYS A 239 1.89 -21.20 0.14
N ARG A 240 2.96 -20.57 0.60
CA ARG A 240 4.06 -21.32 1.26
C ARG A 240 4.04 -21.05 2.77
N VAL A 241 3.19 -20.13 3.22
CA VAL A 241 3.05 -19.80 4.67
C VAL A 241 1.64 -20.21 5.12
N GLU A 242 1.53 -21.32 5.87
CA GLU A 242 0.29 -22.01 6.32
C GLU A 242 -0.90 -21.10 6.71
N ASN A 243 -2.04 -21.16 5.99
CA ASN A 243 -3.23 -20.33 6.31
C ASN A 243 -2.96 -18.82 6.48
N ASP A 244 -2.00 -18.22 5.78
CA ASP A 244 -1.74 -16.77 5.93
C ASP A 244 -2.74 -16.07 5.02
N LYS A 245 -3.97 -15.85 5.49
CA LYS A 245 -5.05 -15.34 4.61
C LYS A 245 -5.40 -13.92 4.98
N HIS A 246 -4.68 -13.36 5.92
CA HIS A 246 -4.96 -11.95 6.28
C HIS A 246 -3.64 -11.25 6.62
N TYR A 247 -3.69 -9.94 6.71
CA TYR A 247 -2.48 -9.11 6.91
C TYR A 247 -1.95 -9.15 8.36
N GLY A 248 -2.79 -9.49 9.31
CA GLY A 248 -2.38 -9.41 10.73
C GLY A 248 -1.47 -10.51 11.24
N LEU A 249 -1.14 -10.42 12.53
CA LEU A 249 -0.20 -11.35 13.19
C LEU A 249 -0.95 -12.37 14.08
N SER A 250 -2.16 -12.04 14.50
CA SER A 250 -2.97 -12.91 15.37
C SER A 250 -3.83 -13.87 14.52
N LEU A 251 -4.50 -14.82 15.15
CA LEU A 251 -5.26 -15.79 14.32
C LEU A 251 -6.42 -15.07 13.64
N PHE A 252 -6.63 -15.44 12.40
CA PHE A 252 -7.63 -14.82 11.51
C PHE A 252 -9.05 -15.21 11.93
N LYS A 253 -9.87 -14.23 12.30
CA LYS A 253 -11.27 -14.50 12.65
C LYS A 253 -12.11 -13.87 11.53
N PRO A 254 -12.51 -14.65 10.53
CA PRO A 254 -13.23 -14.13 9.40
C PRO A 254 -14.60 -13.58 9.81
N ASN A 255 -15.00 -12.47 9.19
CA ASN A 255 -16.32 -11.86 9.49
C ASN A 255 -17.42 -12.61 8.76
N GLU A 256 -18.65 -12.42 9.21
CA GLU A 256 -19.77 -13.05 8.50
C GLU A 256 -19.92 -12.28 7.19
N ASP A 257 -19.78 -13.02 6.10
CA ASP A 257 -19.72 -12.42 4.75
C ASP A 257 -21.02 -12.65 4.00
N VAL A 258 -21.53 -11.61 3.35
CA VAL A 258 -22.73 -11.72 2.47
C VAL A 258 -22.24 -11.59 1.03
N CYS A 259 -20.94 -11.39 0.84
CA CYS A 259 -20.44 -11.10 -0.52
C CYS A 259 -20.18 -12.35 -1.36
N LEU A 260 -19.51 -13.36 -0.81
CA LEU A 260 -19.13 -14.54 -1.62
C LEU A 260 -20.35 -15.32 -2.14
N LYS A 261 -21.39 -15.48 -1.33
CA LYS A 261 -22.55 -16.29 -1.81
C LYS A 261 -23.22 -15.58 -2.99
N TRP A 262 -23.37 -14.25 -2.89
CA TRP A 262 -23.95 -13.44 -3.99
C TRP A 262 -23.09 -13.61 -5.24
N LEU A 263 -21.76 -13.55 -5.09
CA LEU A 263 -20.83 -13.70 -6.24
C LEU A 263 -20.93 -15.12 -6.82
N ASP A 264 -21.18 -16.13 -5.99
CA ASP A 264 -21.24 -17.54 -6.44
C ASP A 264 -22.31 -17.75 -7.52
N SER A 265 -23.43 -17.03 -7.45
CA SER A 265 -24.52 -17.20 -8.44
C SER A 265 -24.25 -16.45 -9.74
N LYS A 266 -23.24 -15.59 -9.79
CA LYS A 266 -23.00 -14.78 -11.00
C LYS A 266 -22.06 -15.49 -11.96
N PRO A 267 -22.12 -15.19 -13.26
CA PRO A 267 -21.24 -15.81 -14.22
C PRO A 267 -19.77 -15.43 -13.98
N SER A 268 -18.87 -16.35 -14.29
CA SER A 268 -17.42 -16.11 -14.10
C SER A 268 -16.98 -14.88 -14.88
N GLY A 269 -16.24 -13.99 -14.22
CA GLY A 269 -15.69 -12.76 -14.81
C GLY A 269 -16.71 -11.69 -15.11
N SER A 270 -17.91 -11.80 -14.53
CA SER A 270 -18.97 -10.88 -14.97
C SER A 270 -19.17 -9.66 -14.09
N VAL A 271 -18.76 -9.70 -12.83
CA VAL A 271 -19.12 -8.57 -11.93
C VAL A 271 -18.00 -7.55 -11.71
N LEU A 272 -18.43 -6.31 -11.57
CA LEU A 272 -17.55 -5.16 -11.27
C LEU A 272 -17.50 -4.99 -9.75
N TYR A 273 -16.33 -5.20 -9.16
CA TYR A 273 -16.17 -4.92 -7.72
C TYR A 273 -15.86 -3.43 -7.59
N VAL A 274 -16.54 -2.71 -6.71
CA VAL A 274 -16.34 -1.26 -6.58
C VAL A 274 -15.88 -0.84 -5.19
N SER A 275 -14.77 -0.12 -5.12
CA SER A 275 -14.29 0.45 -3.84
C SER A 275 -13.48 1.71 -4.11
N TYR A 276 -13.94 2.86 -3.62
CA TYR A 276 -13.19 4.12 -3.82
C TYR A 276 -12.30 4.41 -2.62
N GLY A 277 -12.05 3.41 -1.77
CA GLY A 277 -11.12 3.53 -0.64
C GLY A 277 -11.78 3.57 0.71
N SER A 278 -11.31 2.73 1.62
CA SER A 278 -11.89 2.62 2.99
C SER A 278 -11.88 3.93 3.78
N LEU A 279 -10.97 4.86 3.53
CA LEU A 279 -10.94 6.10 4.32
C LEU A 279 -11.12 7.33 3.44
N VAL A 280 -11.44 7.15 2.16
CA VAL A 280 -11.67 8.28 1.23
C VAL A 280 -13.09 8.82 1.44
N GLU A 281 -13.24 10.14 1.42
CA GLU A 281 -14.57 10.78 1.54
C GLU A 281 -14.91 11.31 0.15
N MET A 282 -16.12 11.02 -0.34
CA MET A 282 -16.48 11.53 -1.68
C MET A 282 -17.64 12.51 -1.52
N GLY A 283 -17.66 13.58 -2.31
CA GLY A 283 -18.76 14.56 -2.27
C GLY A 283 -20.04 13.98 -2.86
N GLU A 284 -21.18 14.48 -2.42
CA GLU A 284 -22.50 13.99 -2.86
C GLU A 284 -22.62 14.04 -4.38
N GLU A 285 -22.26 15.18 -4.96
CA GLU A 285 -22.35 15.35 -6.42
C GLU A 285 -21.61 14.22 -7.13
N GLN A 286 -20.34 14.03 -6.81
CA GLN A 286 -19.50 13.01 -7.47
C GLN A 286 -20.04 11.60 -7.20
N LEU A 287 -20.51 11.32 -5.99
CA LEU A 287 -21.02 9.97 -5.63
C LEU A 287 -22.26 9.65 -6.48
N LYS A 288 -23.08 10.67 -6.73
CA LYS A 288 -24.28 10.52 -7.57
C LYS A 288 -23.88 10.13 -9.00
N GLU A 289 -22.92 10.83 -9.60
CA GLU A 289 -22.50 10.49 -10.98
C GLU A 289 -21.87 9.10 -10.99
N LEU A 290 -21.09 8.77 -9.97
CA LEU A 290 -20.45 7.45 -9.92
C LEU A 290 -21.53 6.37 -9.87
N ALA A 291 -22.49 6.52 -8.98
CA ALA A 291 -23.60 5.58 -8.78
C ALA A 291 -24.39 5.39 -10.09
N LEU A 292 -24.81 6.49 -10.69
CA LEU A 292 -25.60 6.41 -11.93
C LEU A 292 -24.76 5.83 -13.07
N GLY A 293 -23.49 6.18 -13.16
CA GLY A 293 -22.66 5.62 -14.23
C GLY A 293 -22.54 4.12 -14.10
N ILE A 294 -22.37 3.63 -12.88
CA ILE A 294 -22.26 2.15 -12.71
C ILE A 294 -23.60 1.53 -13.11
N LYS A 295 -24.69 2.15 -12.69
CA LYS A 295 -26.06 1.69 -12.99
C LYS A 295 -26.29 1.56 -14.50
N GLU A 296 -25.90 2.59 -15.26
CA GLU A 296 -26.08 2.68 -16.73
C GLU A 296 -25.38 1.56 -17.51
N THR A 297 -24.33 0.96 -16.97
CA THR A 297 -23.63 -0.15 -17.64
C THR A 297 -24.51 -1.39 -17.70
N GLY A 298 -25.40 -1.56 -16.72
CA GLY A 298 -26.28 -2.75 -16.61
C GLY A 298 -25.52 -3.99 -16.18
N LYS A 299 -24.34 -3.83 -15.61
CA LYS A 299 -23.53 -4.98 -15.18
C LYS A 299 -23.87 -5.33 -13.74
N PHE A 300 -23.57 -6.56 -13.35
CA PHE A 300 -23.70 -6.90 -11.92
C PHE A 300 -22.53 -6.23 -11.22
N PHE A 301 -22.78 -5.55 -10.11
CA PHE A 301 -21.69 -4.92 -9.36
C PHE A 301 -21.85 -5.12 -7.85
N LEU A 302 -20.71 -5.23 -7.19
CA LEU A 302 -20.61 -5.36 -5.72
C LEU A 302 -19.88 -4.09 -5.25
N TRP A 303 -20.57 -3.19 -4.61
CA TRP A 303 -19.99 -1.91 -4.14
C TRP A 303 -19.87 -1.90 -2.62
N VAL A 304 -18.64 -1.86 -2.11
CA VAL A 304 -18.42 -1.81 -0.64
C VAL A 304 -18.21 -0.35 -0.27
N VAL A 305 -19.06 0.20 0.58
CA VAL A 305 -18.92 1.63 0.95
C VAL A 305 -19.36 1.79 2.41
N ARG A 306 -18.50 2.40 3.23
CA ARG A 306 -18.74 2.50 4.69
C ARG A 306 -19.97 3.35 5.01
N ASP A 307 -20.54 3.05 6.17
CA ASP A 307 -21.82 3.64 6.62
C ASP A 307 -21.86 5.16 6.48
N THR A 308 -20.84 5.89 6.89
CA THR A 308 -20.91 7.37 6.79
C THR A 308 -20.91 7.85 5.34
N GLU A 309 -20.30 7.10 4.42
CA GLU A 309 -20.30 7.49 3.00
C GLU A 309 -21.63 7.04 2.39
N ALA A 310 -22.09 5.85 2.78
CA ALA A 310 -23.35 5.31 2.23
C ALA A 310 -24.56 6.24 2.45
N GLU A 311 -24.45 7.13 3.44
CA GLU A 311 -25.56 8.05 3.73
C GLU A 311 -25.63 9.12 2.66
N LYS A 312 -24.56 9.27 1.88
CA LYS A 312 -24.46 10.35 0.88
C LYS A 312 -24.93 9.87 -0.49
N LEU A 313 -25.31 8.61 -0.60
CA LEU A 313 -25.79 8.05 -1.88
C LEU A 313 -27.11 8.72 -2.25
N PRO A 314 -27.46 8.85 -3.54
CA PRO A 314 -28.74 9.41 -3.90
C PRO A 314 -29.89 8.58 -3.30
N PRO A 315 -30.97 9.24 -2.86
CA PRO A 315 -32.13 8.52 -2.41
C PRO A 315 -32.70 7.70 -3.57
N ASN A 316 -33.07 6.47 -3.27
CA ASN A 316 -33.65 5.44 -4.16
C ASN A 316 -32.59 4.76 -5.01
N PHE A 317 -31.31 5.10 -4.86
CA PHE A 317 -30.27 4.45 -5.71
C PHE A 317 -30.21 2.95 -5.39
N VAL A 318 -30.03 2.62 -4.12
CA VAL A 318 -29.87 1.19 -3.73
C VAL A 318 -31.10 0.39 -4.18
N GLU A 319 -32.29 0.92 -3.96
CA GLU A 319 -33.55 0.24 -4.34
C GLU A 319 -33.64 0.09 -5.85
N SER A 320 -33.16 1.09 -6.60
CA SER A 320 -33.20 1.09 -8.07
C SER A 320 -32.25 0.05 -8.67
N VAL A 321 -31.23 -0.40 -7.92
CA VAL A 321 -30.31 -1.43 -8.46
C VAL A 321 -30.47 -2.72 -7.66
N ALA A 322 -31.67 -3.01 -7.21
CA ALA A 322 -31.95 -4.24 -6.44
C ALA A 322 -31.53 -5.48 -7.24
N GLU A 323 -31.76 -5.48 -8.55
CA GLU A 323 -31.43 -6.64 -9.39
C GLU A 323 -29.92 -6.78 -9.65
N LYS A 324 -29.25 -5.72 -10.07
CA LYS A 324 -27.84 -5.91 -10.52
C LYS A 324 -26.80 -5.55 -9.46
N GLY A 325 -27.14 -4.74 -8.47
CA GLY A 325 -26.07 -4.31 -7.56
C GLY A 325 -26.24 -4.70 -6.11
N LEU A 326 -25.13 -5.09 -5.50
CA LEU A 326 -25.07 -5.39 -4.05
C LEU A 326 -24.21 -4.29 -3.40
N VAL A 327 -24.88 -3.36 -2.72
CA VAL A 327 -24.16 -2.28 -2.00
C VAL A 327 -24.14 -2.68 -0.53
N VAL A 328 -22.94 -2.90 0.01
CA VAL A 328 -22.73 -3.38 1.40
C VAL A 328 -21.68 -2.51 2.10
N SER A 329 -21.61 -2.59 3.42
CA SER A 329 -20.70 -1.75 4.24
C SER A 329 -19.30 -2.34 4.25
N TRP A 330 -19.17 -3.64 4.02
CA TRP A 330 -17.85 -4.31 4.12
C TRP A 330 -17.90 -5.72 3.53
N CYS A 331 -16.80 -6.11 2.90
CA CYS A 331 -16.50 -7.45 2.39
C CYS A 331 -14.98 -7.66 2.59
N SER A 332 -14.51 -8.90 2.54
CA SER A 332 -13.04 -9.12 2.53
C SER A 332 -12.57 -8.79 1.11
N GLN A 333 -11.86 -7.68 0.90
CA GLN A 333 -11.42 -7.28 -0.47
C GLN A 333 -10.57 -8.38 -1.10
N LEU A 334 -9.68 -9.02 -0.35
CA LEU A 334 -8.89 -10.11 -0.97
C LEU A 334 -9.80 -11.24 -1.44
N GLU A 335 -10.81 -11.62 -0.65
CA GLU A 335 -11.62 -12.80 -1.06
C GLU A 335 -12.48 -12.43 -2.26
N VAL A 336 -12.95 -11.19 -2.31
CA VAL A 336 -13.78 -10.72 -3.44
C VAL A 336 -12.95 -10.70 -4.73
N LEU A 337 -11.77 -10.10 -4.68
CA LEU A 337 -10.90 -10.02 -5.89
C LEU A 337 -10.48 -11.42 -6.34
N ALA A 338 -10.29 -12.36 -5.41
CA ALA A 338 -9.91 -13.75 -5.75
C ALA A 338 -11.08 -14.57 -6.28
N HIS A 339 -12.31 -14.06 -6.17
CA HIS A 339 -13.49 -14.80 -6.65
C HIS A 339 -13.56 -14.80 -8.18
N PRO A 340 -13.85 -15.95 -8.83
CA PRO A 340 -13.85 -16.04 -10.28
C PRO A 340 -14.94 -15.25 -11.03
N SER A 341 -15.98 -14.84 -10.32
CA SER A 341 -17.08 -14.03 -10.88
C SER A 341 -16.67 -12.56 -10.99
N VAL A 342 -15.61 -12.16 -10.30
CA VAL A 342 -15.18 -10.74 -10.37
C VAL A 342 -14.28 -10.57 -11.61
N GLY A 343 -14.69 -9.73 -12.55
CA GLY A 343 -13.91 -9.52 -13.79
C GLY A 343 -13.31 -8.14 -13.91
N CYS A 344 -13.66 -7.23 -13.01
CA CYS A 344 -13.10 -5.87 -13.07
C CYS A 344 -13.19 -5.24 -11.69
N PHE A 345 -12.24 -4.36 -11.36
CA PHE A 345 -12.14 -3.68 -10.05
C PHE A 345 -12.09 -2.18 -10.27
N PHE A 346 -13.15 -1.49 -9.86
CA PHE A 346 -13.21 -0.01 -9.89
C PHE A 346 -12.53 0.43 -8.59
N THR A 347 -11.40 1.11 -8.71
CA THR A 347 -10.59 1.39 -7.51
C THR A 347 -10.00 2.80 -7.49
N HIS A 348 -9.67 3.28 -6.30
CA HIS A 348 -9.02 4.61 -6.12
C HIS A 348 -7.50 4.50 -6.33
N CYS A 349 -6.99 3.29 -6.52
CA CYS A 349 -5.56 3.02 -6.82
C CYS A 349 -4.66 3.39 -5.65
N GLY A 350 -5.07 3.05 -4.43
CA GLY A 350 -4.12 3.09 -3.32
C GLY A 350 -3.05 2.01 -3.57
N TRP A 351 -1.83 2.20 -3.07
CA TRP A 351 -0.79 1.18 -3.37
C TRP A 351 -1.19 -0.21 -2.90
N ASN A 352 -1.83 -0.33 -1.75
CA ASN A 352 -2.27 -1.67 -1.28
C ASN A 352 -3.26 -2.27 -2.27
N SER A 353 -4.28 -1.52 -2.65
CA SER A 353 -5.33 -2.00 -3.59
C SER A 353 -4.73 -2.30 -4.97
N THR A 354 -3.79 -1.47 -5.40
CA THR A 354 -3.09 -1.66 -6.70
C THR A 354 -2.39 -3.03 -6.67
N LEU A 355 -1.60 -3.30 -5.63
CA LEU A 355 -0.90 -4.61 -5.57
C LEU A 355 -1.90 -5.76 -5.48
N GLU A 356 -2.99 -5.57 -4.75
CA GLU A 356 -3.97 -6.67 -4.63
C GLU A 356 -4.56 -6.98 -6.01
N ALA A 357 -4.91 -5.94 -6.76
CA ALA A 357 -5.44 -6.16 -8.13
C ALA A 357 -4.41 -6.89 -8.98
N LEU A 358 -3.14 -6.48 -8.89
CA LEU A 358 -2.14 -7.15 -9.73
C LEU A 358 -1.96 -8.59 -9.28
N CYS A 359 -1.90 -8.82 -7.98
CA CYS A 359 -1.68 -10.20 -7.48
C CYS A 359 -2.85 -11.12 -7.81
N LEU A 360 -4.06 -10.57 -7.83
CA LEU A 360 -5.24 -11.43 -8.04
C LEU A 360 -5.68 -11.47 -9.50
N GLY A 361 -5.02 -10.70 -10.35
CA GLY A 361 -5.28 -10.78 -11.80
C GLY A 361 -6.57 -10.12 -12.20
N VAL A 362 -6.90 -9.02 -11.56
CA VAL A 362 -8.18 -8.37 -11.92
C VAL A 362 -7.91 -7.08 -12.68
N PRO A 363 -8.47 -6.87 -13.89
CA PRO A 363 -8.37 -5.60 -14.59
C PRO A 363 -9.03 -4.44 -13.80
N VAL A 364 -8.59 -3.22 -14.05
CA VAL A 364 -9.07 -2.09 -13.22
C VAL A 364 -9.70 -0.96 -14.01
N VAL A 365 -10.62 -0.28 -13.35
CA VAL A 365 -11.16 1.03 -13.79
C VAL A 365 -10.59 1.95 -12.74
N ALA A 366 -9.67 2.82 -13.12
CA ALA A 366 -8.93 3.67 -12.17
C ALA A 366 -9.62 5.00 -11.90
N PHE A 367 -9.85 5.28 -10.62
CA PHE A 367 -10.47 6.54 -10.19
C PHE A 367 -9.66 7.13 -9.03
N PRO A 368 -8.39 7.53 -9.26
CA PRO A 368 -7.56 8.08 -8.20
C PRO A 368 -8.13 9.38 -7.61
N GLN A 369 -7.90 9.59 -6.32
CA GLN A 369 -8.42 10.76 -5.58
C GLN A 369 -7.29 11.67 -5.06
N TRP A 370 -6.31 11.13 -4.34
CA TRP A 370 -5.25 12.00 -3.78
C TRP A 370 -3.94 11.25 -3.55
N ALA A 371 -2.90 11.95 -3.10
CA ALA A 371 -1.59 11.34 -2.79
C ALA A 371 -1.02 10.54 -3.97
N ASP A 372 -0.47 9.35 -3.68
CA ASP A 372 0.19 8.47 -4.68
C ASP A 372 -0.82 7.76 -5.59
N GLN A 373 -2.10 7.83 -5.30
CA GLN A 373 -3.13 7.17 -6.13
C GLN A 373 -3.01 7.64 -7.59
N VAL A 374 -2.80 8.93 -7.83
CA VAL A 374 -2.69 9.44 -9.23
C VAL A 374 -1.53 8.77 -9.96
N THR A 375 -0.38 8.63 -9.31
CA THR A 375 0.78 8.01 -9.98
C THR A 375 0.51 6.53 -10.22
N ASN A 376 -0.06 5.84 -9.23
CA ASN A 376 -0.36 4.40 -9.38
C ASN A 376 -1.32 4.22 -10.56
N ALA A 377 -2.33 5.07 -10.65
CA ALA A 377 -3.31 5.01 -11.76
C ALA A 377 -2.58 5.17 -13.09
N LYS A 378 -1.65 6.12 -13.18
CA LYS A 378 -0.90 6.33 -14.44
C LYS A 378 -0.18 5.05 -14.82
N PHE A 379 0.39 4.36 -13.84
CA PHE A 379 1.12 3.11 -14.18
C PHE A 379 0.15 2.00 -14.57
N LEU A 380 -0.98 1.90 -13.90
CA LEU A 380 -1.94 0.81 -14.20
C LEU A 380 -2.44 0.94 -15.63
N GLU A 381 -2.70 2.16 -16.07
CA GLU A 381 -3.24 2.41 -17.42
C GLU A 381 -2.16 2.39 -18.49
N ASP A 382 -1.10 3.19 -18.31
CA ASP A 382 -0.10 3.42 -19.38
C ASP A 382 1.15 2.54 -19.32
N VAL A 383 1.45 1.91 -18.20
CA VAL A 383 2.70 1.11 -18.13
C VAL A 383 2.38 -0.38 -18.04
N TRP A 384 1.58 -0.76 -17.04
CA TRP A 384 1.24 -2.18 -16.81
C TRP A 384 0.10 -2.60 -17.74
N LYS A 385 -0.70 -1.65 -18.16
CA LYS A 385 -1.77 -1.86 -19.16
C LYS A 385 -2.78 -2.92 -18.71
N VAL A 386 -3.36 -2.73 -17.53
CA VAL A 386 -4.38 -3.68 -16.99
C VAL A 386 -5.71 -2.92 -16.84
N GLY A 387 -5.79 -1.70 -17.36
CA GLY A 387 -7.05 -0.96 -17.29
C GLY A 387 -6.99 0.47 -17.76
N LYS A 388 -8.00 1.26 -17.45
CA LYS A 388 -8.07 2.67 -17.92
C LYS A 388 -8.52 3.59 -16.78
N ARG A 389 -8.17 4.86 -16.88
CA ARG A 389 -8.48 5.88 -15.86
C ARG A 389 -9.71 6.69 -16.23
N VAL A 390 -10.59 6.99 -15.28
CA VAL A 390 -11.86 7.69 -15.64
C VAL A 390 -11.53 9.12 -16.04
N LYS A 391 -12.07 9.59 -17.17
CA LYS A 391 -11.81 11.00 -17.58
C LYS A 391 -12.62 11.95 -16.71
N ARG A 392 -12.02 13.03 -16.20
CA ARG A 392 -12.76 14.04 -15.40
C ARG A 392 -12.91 15.30 -16.26
N ASN A 393 -13.78 16.23 -15.88
CA ASN A 393 -13.98 17.43 -16.75
C ASN A 393 -13.16 18.61 -16.22
N GLU A 394 -13.45 19.83 -16.70
CA GLU A 394 -12.75 21.10 -16.34
C GLU A 394 -13.07 21.59 -14.90
N GLN A 395 -13.96 20.89 -14.18
CA GLN A 395 -14.33 21.18 -12.77
C GLN A 395 -13.87 20.00 -11.89
N ARG A 396 -13.21 19.01 -12.49
CA ARG A 396 -12.67 17.75 -11.90
C ARG A 396 -13.80 16.75 -11.61
N LEU A 397 -14.99 16.98 -12.14
CA LEU A 397 -16.11 16.04 -11.91
C LEU A 397 -16.07 14.94 -12.96
N ALA A 398 -16.12 13.69 -12.54
CA ALA A 398 -16.22 12.61 -13.54
C ALA A 398 -17.70 12.43 -13.78
N SER A 399 -18.20 12.62 -15.00
CA SER A 399 -19.66 12.52 -15.22
C SER A 399 -20.11 11.07 -15.23
N LYS A 400 -21.42 10.85 -15.18
CA LYS A 400 -21.96 9.46 -15.25
C LYS A 400 -21.61 8.82 -16.59
N GLU A 401 -21.59 9.59 -17.68
CA GLU A 401 -21.21 9.08 -19.00
C GLU A 401 -19.74 8.64 -18.98
N GLU A 402 -18.86 9.46 -18.40
CA GLU A 402 -17.41 9.17 -18.30
C GLU A 402 -17.18 7.88 -17.49
N VAL A 403 -17.94 7.72 -16.42
CA VAL A 403 -17.85 6.50 -15.58
C VAL A 403 -18.35 5.29 -16.38
N ARG A 404 -19.54 5.38 -16.97
CA ARG A 404 -20.07 4.23 -17.74
C ARG A 404 -19.15 3.84 -18.89
N SER A 405 -18.68 4.81 -19.68
CA SER A 405 -17.85 4.47 -20.86
C SER A 405 -16.55 3.78 -20.44
N CYS A 406 -15.93 4.28 -19.38
CA CYS A 406 -14.66 3.66 -18.89
C CYS A 406 -14.93 2.21 -18.51
N ILE A 407 -15.95 1.96 -17.72
CA ILE A 407 -16.29 0.56 -17.34
C ILE A 407 -16.51 -0.28 -18.60
N TRP A 408 -17.29 0.24 -19.54
CA TRP A 408 -17.54 -0.56 -20.77
C TRP A 408 -16.22 -0.84 -21.50
N GLU A 409 -15.38 0.17 -21.61
CA GLU A 409 -14.12 0.02 -22.37
C GLU A 409 -13.23 -1.05 -21.74
N VAL A 410 -13.12 -1.06 -20.42
CA VAL A 410 -12.24 -2.06 -19.77
C VAL A 410 -12.86 -3.44 -19.86
N MET A 411 -14.15 -3.55 -19.65
CA MET A 411 -14.78 -4.89 -19.57
C MET A 411 -15.21 -5.41 -20.93
N GLU A 412 -15.53 -4.53 -21.87
CA GLU A 412 -16.15 -4.98 -23.15
C GLU A 412 -15.50 -4.39 -24.41
N GLY A 413 -14.68 -3.35 -24.28
CA GLY A 413 -14.11 -2.67 -25.46
C GLY A 413 -13.03 -3.42 -26.23
N GLU A 414 -12.41 -2.75 -27.19
CA GLU A 414 -11.36 -3.37 -28.05
C GLU A 414 -10.19 -3.90 -27.22
N ARG A 415 -9.82 -3.22 -26.13
CA ARG A 415 -8.64 -3.64 -25.34
C ARG A 415 -9.03 -4.59 -24.19
N ALA A 416 -10.31 -4.92 -24.01
CA ALA A 416 -10.72 -5.78 -22.88
C ALA A 416 -9.93 -7.09 -22.81
N SER A 417 -9.73 -7.74 -23.95
CA SER A 417 -8.96 -9.01 -23.94
C SER A 417 -7.50 -8.75 -23.57
N GLU A 418 -6.95 -7.64 -24.03
CA GLU A 418 -5.55 -7.22 -23.73
C GLU A 418 -5.41 -7.04 -22.22
N PHE A 419 -6.31 -6.26 -21.62
CA PHE A 419 -6.30 -6.04 -20.15
C PHE A 419 -6.33 -7.37 -19.40
N LYS A 420 -7.22 -8.30 -19.76
CA LYS A 420 -7.34 -9.58 -19.03
C LYS A 420 -6.04 -10.37 -19.22
N SER A 421 -5.54 -10.40 -20.42
CA SER A 421 -4.29 -11.16 -20.68
C SER A 421 -3.15 -10.57 -19.84
N ASN A 422 -3.05 -9.26 -19.84
CA ASN A 422 -2.00 -8.53 -19.07
C ASN A 422 -2.20 -8.79 -17.58
N SER A 423 -3.44 -8.71 -17.10
CA SER A 423 -3.72 -9.00 -15.68
C SER A 423 -3.28 -10.42 -15.31
N MET A 424 -3.56 -11.38 -16.19
CA MET A 424 -3.16 -12.78 -15.90
C MET A 424 -1.64 -12.89 -15.82
N GLU A 425 -0.92 -12.17 -16.67
CA GLU A 425 0.56 -12.23 -16.68
C GLU A 425 1.12 -11.64 -15.39
N TRP A 426 0.60 -10.49 -14.97
CA TRP A 426 1.09 -9.85 -13.74
C TRP A 426 0.81 -10.75 -12.53
N LYS A 427 -0.34 -11.43 -12.51
CA LYS A 427 -0.66 -12.35 -11.40
C LYS A 427 0.38 -13.46 -11.34
N LYS A 428 0.76 -13.98 -12.50
CA LYS A 428 1.77 -15.06 -12.60
C LYS A 428 3.12 -14.52 -12.11
N TRP A 429 3.52 -13.35 -12.59
CA TRP A 429 4.81 -12.74 -12.21
C TRP A 429 4.86 -12.33 -10.74
N ALA A 430 3.75 -11.86 -10.19
CA ALA A 430 3.72 -11.50 -8.76
C ALA A 430 3.89 -12.78 -7.93
N LYS A 431 3.19 -13.85 -8.29
CA LYS A 431 3.32 -15.10 -7.53
C LYS A 431 4.77 -15.59 -7.65
N GLU A 432 5.29 -15.55 -8.85
CA GLU A 432 6.68 -16.04 -9.10
C GLU A 432 7.68 -15.28 -8.22
N ALA A 433 7.53 -13.97 -8.11
CA ALA A 433 8.49 -13.16 -7.34
C ALA A 433 8.57 -13.61 -5.88
N VAL A 434 7.43 -13.92 -5.27
CA VAL A 434 7.42 -14.26 -3.82
C VAL A 434 7.56 -15.76 -3.59
N ASP A 435 7.38 -16.57 -4.62
CA ASP A 435 7.55 -18.04 -4.47
C ASP A 435 9.04 -18.40 -4.42
N GLU A 436 9.35 -19.63 -4.07
CA GLU A 436 10.76 -20.10 -3.98
C GLU A 436 11.56 -19.75 -5.23
N GLY A 437 12.70 -19.10 -5.07
CA GLY A 437 13.59 -18.75 -6.19
C GLY A 437 13.21 -17.47 -6.91
N GLY A 438 12.11 -16.83 -6.52
CA GLY A 438 11.71 -15.57 -7.17
C GLY A 438 12.58 -14.40 -6.76
N SER A 439 12.42 -13.27 -7.44
CA SER A 439 13.25 -12.08 -7.16
C SER A 439 13.07 -11.61 -5.73
N SER A 440 11.84 -11.60 -5.23
CA SER A 440 11.59 -11.12 -3.84
C SER A 440 12.05 -12.17 -2.84
N ASP A 441 11.74 -13.43 -3.08
CA ASP A 441 12.18 -14.52 -2.18
C ASP A 441 13.71 -14.52 -2.08
N LYS A 442 14.39 -14.34 -3.20
CA LYS A 442 15.87 -14.33 -3.21
C LYS A 442 16.37 -13.17 -2.36
N ASN A 443 15.77 -12.00 -2.50
CA ASN A 443 16.21 -10.84 -1.71
C ASN A 443 16.02 -11.13 -0.22
N ILE A 444 14.88 -11.72 0.12
CA ILE A 444 14.60 -12.08 1.55
C ILE A 444 15.61 -13.12 2.02
N GLU A 445 15.85 -14.15 1.22
CA GLU A 445 16.84 -15.16 1.58
C GLU A 445 18.20 -14.50 1.78
N GLU A 446 18.58 -13.58 0.90
CA GLU A 446 19.89 -12.88 0.99
C GLU A 446 19.96 -12.08 2.29
N PHE A 447 18.87 -11.41 2.65
CA PHE A 447 18.84 -10.64 3.91
C PHE A 447 19.04 -11.58 5.09
N VAL A 448 18.31 -12.69 5.09
CA VAL A 448 18.39 -13.68 6.20
C VAL A 448 19.82 -14.22 6.28
N ALA A 449 20.45 -14.46 5.15
CA ALA A 449 21.84 -14.97 5.16
C ALA A 449 22.76 -13.91 5.77
N MET A 450 22.52 -12.65 5.41
CA MET A 450 23.36 -11.56 5.92
C MET A 450 23.20 -11.46 7.43
N LEU A 451 21.98 -11.68 7.93
CA LEU A 451 21.68 -11.57 9.38
C LEU A 451 22.35 -12.71 10.14
N LYS A 452 22.42 -13.89 9.54
CA LYS A 452 23.07 -15.06 10.17
C LYS A 452 24.58 -14.82 10.31
N GLN A 453 25.14 -13.91 9.54
CA GLN A 453 26.59 -13.59 9.69
C GLN A 453 26.76 -12.43 10.68
N THR A 454 25.65 -11.98 11.28
CA THR A 454 25.45 -10.83 12.19
C THR A 454 25.39 -9.52 11.40
C1' UD1 B . -4.93 3.53 0.18
C2' UD1 B . -3.40 3.36 0.08
C3' UD1 B . -2.76 4.73 -0.19
C4' UD1 B . -3.85 5.76 -0.47
C5' UD1 B . -4.85 5.75 0.71
C6' UD1 B . -6.26 6.08 0.37
C7' UD1 B . -1.51 2.59 1.36
C8' UD1 B . -0.91 2.04 0.12
N2' UD1 B . -2.81 2.89 1.31
O1' UD1 B . -5.61 2.51 0.57
O3' UD1 B . -1.81 4.60 -1.24
O4' UD1 B . -3.40 7.08 -0.60
O5' UD1 B . -4.95 4.44 1.24
O6' UD1 B . -6.71 7.26 1.08
O7' UD1 B . -0.87 2.76 2.36
N1 UD1 B . -10.31 -3.69 2.61
C2 UD1 B . -11.13 -4.76 2.90
N3 UD1 B . -12.46 -4.50 2.81
C4 UD1 B . -13.04 -3.30 2.46
C5 UD1 B . -12.13 -2.23 2.22
C6 UD1 B . -10.81 -2.46 2.32
O2 UD1 B . -10.72 -5.86 3.17
O4 UD1 B . -14.25 -3.21 2.42
C1B UD1 B . -8.87 -3.86 2.78
C2B UD1 B . -8.06 -3.70 1.50
O2' UD1 B . -7.92 -4.98 0.91
C3B UD1 B . -6.73 -3.18 2.04
C4B UD1 B . -7.12 -2.40 3.30
O4B UD1 B . -8.46 -2.84 3.64
O3B UD1 B . -5.80 -4.21 2.35
C5B UD1 B . -7.13 -0.91 3.13
O5B UD1 B . -7.82 -0.67 1.92
PA UD1 B . -8.18 0.77 1.38
O1A UD1 B . -8.02 1.78 2.41
O2A UD1 B . -9.48 0.69 0.71
O3A UD1 B . -7.07 0.93 0.26
PB UD1 B . -5.49 1.08 0.14
O1B UD1 B . -4.83 0.53 1.33
O2B UD1 B . -5.01 0.86 -1.23
H1' UD1 B . -5.31 3.89 -0.66
H2' UD1 B . -3.19 2.75 -0.66
H3' UD1 B . -2.28 5.00 0.65
H4' UD1 B . -4.33 5.51 -1.28
H5' UD1 B . -4.53 6.36 1.41
H6'1 UD1 B . -6.84 5.33 0.60
H6'2 UD1 B . -6.34 6.24 -0.60
H8'1 UD1 B . -0.33 1.29 0.35
H8'2 UD1 B . -0.39 2.72 -0.33
H8'3 UD1 B . -1.61 1.73 -0.47
HN2' UD1 B . -3.32 2.80 2.01
HO3' UD1 B . -1.57 5.38 -1.47
HO4' UD1 B . -3.74 7.56 -0.01
HO6' UD1 B . -7.04 7.81 0.52
HN3 UD1 B . -13.00 -5.19 2.94
H5 UD1 B . -12.44 -1.38 2.00
H6 UD1 B . -10.22 -1.76 2.16
H1B UD1 B . -8.69 -4.73 3.20
H2B UD1 B . -8.48 -3.07 0.89
HO2' UD1 B . -8.28 -4.98 0.15
H3B UD1 B . -6.32 -2.55 1.38
H4B UD1 B . -6.52 -2.62 4.04
HO3A UD1 B . -6.06 -4.93 1.99
H5'1 UD1 B . -6.20 -0.57 3.07
H5'2 UD1 B . -7.60 -0.48 3.89
#